data_7JVY
#
_entry.id   7JVY
#
_cell.length_a   57.909
_cell.length_b   67.660
_cell.length_c   88.809
_cell.angle_alpha   90.000
_cell.angle_beta   90.000
_cell.angle_gamma   90.000
#
_symmetry.space_group_name_H-M   'P 21 21 21'
#
loop_
_entity.id
_entity.type
_entity.pdbx_description
1 polymer 'Retinol-binding protein 2'
2 non-polymer 2-{[(5Z,8Z,11Z,14Z)-icosa-5,8,11,14-tetraen-1-yl]oxy}propane-1,3-diol
3 water water
#
_entity_poly.entity_id   1
_entity_poly.type   'polypeptide(L)'
_entity_poly.pdbx_seq_one_letter_code
;MTRDQNGTWEMESNENFEGYMKALDIDFATRKIAVRLTQTKVIDQDGDNFKTKTTSTFRNYDVDFTVGVEFDEYTKSLDN
RHVKALVTWEGDVLVCVQKGEKENRGWKQWIEGDKLYLELTCGDQVCRQVFKKKLVPR
;
_entity_poly.pdbx_strand_id   A,B
#
loop_
_chem_comp.id
_chem_comp.type
_chem_comp.name
_chem_comp.formula
VKV non-polymer 2-{[(5Z,8Z,11Z,14Z)-icosa-5,8,11,14-tetraen-1-yl]oxy}propane-1,3-diol 'C23 H40 O3'
#
# COMPACT_ATOMS: atom_id res chain seq x y z
N MET A 1 4.12 -32.42 15.56
CA MET A 1 5.56 -32.27 15.36
C MET A 1 5.85 -31.84 13.92
N THR A 2 5.07 -30.88 13.43
CA THR A 2 5.23 -30.37 12.08
C THR A 2 5.55 -28.87 12.09
N ARG A 3 6.27 -28.41 13.10
CA ARG A 3 6.66 -27.01 13.16
C ARG A 3 7.84 -26.68 12.27
N ASP A 4 8.54 -27.67 11.73
CA ASP A 4 9.73 -27.41 10.92
C ASP A 4 9.29 -27.04 9.51
N GLN A 5 9.40 -25.74 9.17
CA GLN A 5 8.98 -25.23 7.88
C GLN A 5 10.16 -24.91 6.97
N ASN A 6 11.36 -25.35 7.34
CA ASN A 6 12.53 -25.09 6.51
C ASN A 6 12.32 -25.59 5.09
N GLY A 7 12.78 -24.81 4.15
CA GLY A 7 12.88 -25.27 2.78
C GLY A 7 12.68 -24.15 1.79
N THR A 8 12.76 -24.52 0.53
CA THR A 8 12.43 -23.65 -0.59
C THR A 8 11.11 -24.15 -1.16
N TRP A 9 10.15 -23.24 -1.26
CA TRP A 9 8.77 -23.59 -1.54
C TRP A 9 8.32 -22.84 -2.78
N GLU A 10 7.70 -23.55 -3.73
CA GLU A 10 7.25 -22.96 -4.98
C GLU A 10 5.72 -22.93 -5.01
N MET A 11 5.17 -21.76 -5.34
CA MET A 11 3.73 -21.57 -5.32
C MET A 11 3.04 -22.43 -6.37
N GLU A 12 1.97 -23.14 -5.98
N GLU A 12 2.00 -23.16 -5.96
CA GLU A 12 1.15 -23.89 -6.91
CA GLU A 12 1.15 -23.91 -6.87
C GLU A 12 -0.27 -23.38 -7.05
C GLU A 12 -0.19 -23.25 -7.12
N SER A 13 -0.73 -22.55 -6.12
CA SER A 13 -2.04 -21.93 -6.25
C SER A 13 -2.08 -20.68 -5.39
N ASN A 14 -2.97 -19.77 -5.75
CA ASN A 14 -3.00 -18.44 -5.14
C ASN A 14 -4.44 -17.94 -5.32
N GLU A 15 -5.29 -18.31 -4.38
CA GLU A 15 -6.73 -18.04 -4.47
C GLU A 15 -7.05 -16.70 -3.82
N ASN A 16 -7.73 -15.84 -4.59
CA ASN A 16 -8.20 -14.53 -4.10
C ASN A 16 -7.05 -13.59 -3.73
N PHE A 17 -5.90 -13.72 -4.39
CA PHE A 17 -4.85 -12.73 -4.24
C PHE A 17 -5.33 -11.36 -4.71
N GLU A 18 -6.16 -11.34 -5.76
CA GLU A 18 -6.75 -10.10 -6.25
C GLU A 18 -7.51 -9.38 -5.14
N GLY A 19 -8.40 -10.10 -4.45
CA GLY A 19 -9.22 -9.45 -3.43
C GLY A 19 -8.40 -8.99 -2.24
N TYR A 20 -7.43 -9.80 -1.83
CA TYR A 20 -6.52 -9.42 -0.76
C TYR A 20 -5.77 -8.14 -1.10
N MET A 21 -5.23 -8.05 -2.33
CA MET A 21 -4.48 -6.86 -2.74
C MET A 21 -5.40 -5.65 -2.78
N LYS A 22 -6.63 -5.81 -3.25
CA LYS A 22 -7.54 -4.68 -3.29
C LYS A 22 -7.88 -4.21 -1.88
N ALA A 23 -8.00 -5.14 -0.92
CA ALA A 23 -8.23 -4.75 0.46
C ALA A 23 -7.07 -3.96 1.03
N LEU A 24 -5.85 -4.18 0.53
CA LEU A 24 -4.68 -3.41 0.93
C LEU A 24 -4.51 -2.11 0.14
N ASP A 25 -5.44 -1.80 -0.77
CA ASP A 25 -5.39 -0.58 -1.57
C ASP A 25 -4.27 -0.58 -2.60
N ILE A 26 -3.82 -1.76 -3.04
CA ILE A 26 -2.87 -1.82 -4.14
C ILE A 26 -3.54 -1.33 -5.41
N ASP A 27 -2.88 -0.42 -6.12
CA ASP A 27 -3.47 0.15 -7.32
C ASP A 27 -3.59 -0.91 -8.43
N PHE A 28 -4.50 -0.65 -9.37
CA PHE A 28 -4.85 -1.61 -10.41
C PHE A 28 -3.64 -2.05 -11.24
N ALA A 29 -2.80 -1.09 -11.62
CA ALA A 29 -1.65 -1.42 -12.46
C ALA A 29 -0.72 -2.39 -11.75
N THR A 30 -0.48 -2.17 -10.46
CA THR A 30 0.36 -3.08 -9.71
C THR A 30 -0.31 -4.45 -9.56
N ARG A 31 -1.62 -4.46 -9.27
CA ARG A 31 -2.34 -5.73 -9.14
C ARG A 31 -2.29 -6.55 -10.42
N LYS A 32 -2.37 -5.88 -11.57
CA LYS A 32 -2.42 -6.58 -12.86
C LYS A 32 -1.16 -7.41 -13.10
N ILE A 33 0.00 -6.89 -12.69
CA ILE A 33 1.23 -7.64 -12.78
C ILE A 33 1.30 -8.68 -11.68
N ALA A 34 1.02 -8.26 -10.44
CA ALA A 34 1.28 -9.11 -9.29
C ALA A 34 0.45 -10.37 -9.30
N VAL A 35 -0.78 -10.29 -9.83
CA VAL A 35 -1.67 -11.45 -9.77
C VAL A 35 -1.20 -12.60 -10.66
N ARG A 36 -0.34 -12.33 -11.63
N ARG A 36 -0.34 -12.32 -11.64
CA ARG A 36 0.08 -13.33 -12.59
CA ARG A 36 0.10 -13.35 -12.59
C ARG A 36 1.41 -13.99 -12.23
C ARG A 36 1.26 -14.18 -12.08
N LEU A 37 1.96 -13.72 -11.05
CA LEU A 37 3.29 -14.20 -10.71
C LEU A 37 3.27 -15.49 -9.90
N THR A 38 4.24 -16.35 -10.19
CA THR A 38 4.55 -17.47 -9.32
C THR A 38 5.56 -17.00 -8.28
N GLN A 39 5.22 -17.18 -7.01
CA GLN A 39 6.09 -16.79 -5.92
C GLN A 39 6.91 -17.97 -5.45
N THR A 40 8.12 -17.67 -4.96
CA THR A 40 8.95 -18.65 -4.28
C THR A 40 9.18 -18.15 -2.87
N LYS A 41 9.19 -19.06 -1.91
CA LYS A 41 9.41 -18.70 -0.52
C LYS A 41 10.52 -19.57 0.05
N VAL A 42 11.55 -18.93 0.58
CA VAL A 42 12.65 -19.63 1.22
C VAL A 42 12.53 -19.36 2.71
N ILE A 43 12.44 -20.43 3.50
CA ILE A 43 12.32 -20.34 4.94
C ILE A 43 13.57 -20.96 5.53
N ASP A 44 14.29 -20.16 6.32
CA ASP A 44 15.45 -20.59 7.08
C ASP A 44 15.05 -20.48 8.55
N GLN A 45 14.83 -21.61 9.19
CA GLN A 45 14.24 -21.65 10.52
C GLN A 45 15.16 -22.40 11.48
N ASP A 46 15.44 -21.78 12.61
CA ASP A 46 16.22 -22.39 13.68
C ASP A 46 15.35 -22.30 14.93
N GLY A 47 14.59 -23.37 15.20
CA GLY A 47 13.67 -23.36 16.33
C GLY A 47 12.57 -22.32 16.11
N ASP A 48 12.53 -21.32 16.98
CA ASP A 48 11.55 -20.23 16.87
C ASP A 48 12.09 -19.02 16.12
N ASN A 49 13.31 -19.08 15.61
CA ASN A 49 13.91 -17.98 14.86
C ASN A 49 13.73 -18.25 13.37
N PHE A 50 13.06 -17.33 12.68
CA PHE A 50 12.73 -17.47 11.27
C PHE A 50 13.39 -16.36 10.46
N LYS A 51 13.93 -16.73 9.31
CA LYS A 51 14.30 -15.78 8.27
C LYS A 51 13.57 -16.20 7.00
N THR A 52 12.74 -15.32 6.46
CA THR A 52 11.95 -15.67 5.30
C THR A 52 12.24 -14.71 4.16
N LYS A 53 12.30 -15.25 2.95
CA LYS A 53 12.49 -14.47 1.74
C LYS A 53 11.45 -14.94 0.74
N THR A 54 10.57 -14.04 0.32
CA THR A 54 9.57 -14.34 -0.68
C THR A 54 9.93 -13.58 -1.96
N THR A 55 10.02 -14.29 -3.07
CA THR A 55 10.57 -13.70 -4.28
C THR A 55 9.65 -13.91 -5.48
N SER A 56 9.79 -13.00 -6.43
CA SER A 56 9.11 -13.06 -7.72
C SER A 56 9.89 -12.17 -8.65
N THR A 57 9.53 -12.23 -9.94
N THR A 57 9.53 -12.23 -9.93
CA THR A 57 10.23 -11.42 -10.93
CA THR A 57 10.21 -11.41 -10.93
C THR A 57 9.88 -9.93 -10.84
C THR A 57 9.98 -9.92 -10.72
N PHE A 58 8.90 -9.56 -10.02
CA PHE A 58 8.42 -8.19 -9.91
C PHE A 58 8.76 -7.54 -8.57
N ARG A 59 8.66 -8.27 -7.46
N ARG A 59 8.64 -8.29 -7.47
CA ARG A 59 8.99 -7.71 -6.16
CA ARG A 59 8.89 -7.80 -6.13
C ARG A 59 9.44 -8.84 -5.25
C ARG A 59 9.57 -8.92 -5.34
N ASN A 60 10.35 -8.52 -4.34
CA ASN A 60 10.84 -9.45 -3.34
C ASN A 60 10.54 -8.86 -1.97
N TYR A 61 10.35 -9.72 -0.98
CA TYR A 61 10.03 -9.25 0.37
C TYR A 61 10.66 -10.19 1.40
N ASP A 62 11.48 -9.63 2.28
CA ASP A 62 12.16 -10.39 3.32
C ASP A 62 11.62 -9.97 4.69
N VAL A 63 11.41 -10.93 5.57
CA VAL A 63 11.04 -10.61 6.95
C VAL A 63 11.61 -11.68 7.86
N ASP A 64 12.20 -11.23 8.96
CA ASP A 64 12.78 -12.11 9.98
C ASP A 64 12.04 -11.86 11.30
N PHE A 65 11.86 -12.92 12.07
CA PHE A 65 11.17 -12.75 13.35
C PHE A 65 11.50 -13.94 14.25
N THR A 66 11.26 -13.73 15.55
CA THR A 66 11.27 -14.80 16.53
C THR A 66 9.85 -14.98 17.02
N VAL A 67 9.37 -16.22 17.02
CA VAL A 67 8.03 -16.48 17.52
C VAL A 67 7.92 -15.95 18.95
N GLY A 68 6.85 -15.21 19.22
CA GLY A 68 6.61 -14.70 20.56
C GLY A 68 7.16 -13.31 20.83
N VAL A 69 7.89 -12.72 19.89
CA VAL A 69 8.57 -11.43 20.09
C VAL A 69 7.98 -10.41 19.12
N GLU A 70 7.23 -9.45 19.64
CA GLU A 70 6.63 -8.42 18.79
C GLU A 70 7.73 -7.62 18.10
N PHE A 71 7.48 -7.23 16.84
CA PHE A 71 8.46 -6.47 16.09
C PHE A 71 7.78 -5.43 15.21
N ASP A 72 8.53 -4.41 14.85
CA ASP A 72 8.06 -3.43 13.87
C ASP A 72 8.29 -3.97 12.46
N GLU A 73 7.24 -3.98 11.66
CA GLU A 73 7.30 -4.47 10.29
C GLU A 73 6.89 -3.37 9.33
N TYR A 74 7.72 -3.12 8.34
CA TYR A 74 7.43 -2.17 7.26
C TYR A 74 7.35 -2.99 5.97
N THR A 75 6.18 -3.02 5.36
CA THR A 75 5.93 -3.91 4.22
C THR A 75 6.43 -3.27 2.92
N LYS A 76 7.72 -2.97 2.92
CA LYS A 76 8.36 -2.26 1.82
C LYS A 76 8.20 -2.99 0.51
N SER A 77 7.76 -2.25 -0.51
N SER A 77 7.76 -2.25 -0.51
CA SER A 77 7.52 -2.71 -1.88
CA SER A 77 7.53 -2.70 -1.88
C SER A 77 6.31 -3.62 -2.01
C SER A 77 6.22 -3.47 -2.03
N LEU A 78 5.52 -3.76 -0.95
CA LEU A 78 4.22 -4.43 -1.03
C LEU A 78 3.19 -3.32 -0.93
N ASP A 79 2.55 -3.13 0.22
CA ASP A 79 1.67 -1.98 0.44
C ASP A 79 2.34 -0.85 1.19
N ASN A 80 3.60 -1.03 1.62
CA ASN A 80 4.38 0.05 2.21
C ASN A 80 3.71 0.64 3.46
N ARG A 81 3.27 -0.24 4.36
CA ARG A 81 2.68 0.18 5.63
C ARG A 81 3.55 -0.26 6.79
N HIS A 82 3.42 0.47 7.90
CA HIS A 82 4.05 0.11 9.16
C HIS A 82 3.02 -0.55 10.05
N VAL A 83 3.39 -1.71 10.60
CA VAL A 83 2.54 -2.45 11.53
C VAL A 83 3.39 -2.93 12.70
N LYS A 84 2.72 -3.27 13.78
CA LYS A 84 3.31 -4.04 14.85
C LYS A 84 2.92 -5.49 14.61
N ALA A 85 3.90 -6.37 14.46
CA ALA A 85 3.66 -7.75 14.11
C ALA A 85 4.03 -8.67 15.27
N LEU A 86 3.22 -9.68 15.49
CA LEU A 86 3.53 -10.70 16.48
C LEU A 86 3.20 -12.06 15.87
N VAL A 87 4.17 -12.97 15.89
CA VAL A 87 3.97 -14.32 15.41
C VAL A 87 3.92 -15.25 16.63
N THR A 88 2.94 -16.13 16.66
CA THR A 88 2.76 -17.10 17.73
C THR A 88 2.49 -18.47 17.11
N TRP A 89 2.63 -19.52 17.93
CA TRP A 89 2.22 -20.86 17.54
C TRP A 89 0.82 -21.12 18.08
N GLU A 90 -0.06 -21.63 17.22
CA GLU A 90 -1.31 -22.24 17.64
C GLU A 90 -1.23 -23.69 17.20
N GLY A 91 -0.89 -24.57 18.14
CA GLY A 91 -0.52 -25.91 17.73
C GLY A 91 0.73 -25.82 16.88
N ASP A 92 0.68 -26.41 15.69
CA ASP A 92 1.78 -26.31 14.73
C ASP A 92 1.50 -25.32 13.60
N VAL A 93 0.53 -24.43 13.80
CA VAL A 93 0.23 -23.37 12.85
C VAL A 93 0.92 -22.10 13.32
N LEU A 94 1.66 -21.47 12.41
CA LEU A 94 2.30 -20.19 12.68
C LEU A 94 1.28 -19.09 12.39
N VAL A 95 0.99 -18.26 13.38
CA VAL A 95 -0.06 -17.25 13.28
C VAL A 95 0.57 -15.88 13.48
N CYS A 96 0.28 -14.95 12.57
CA CYS A 96 0.79 -13.61 12.67
C CYS A 96 -0.37 -12.62 12.71
N VAL A 97 -0.33 -11.71 13.68
CA VAL A 97 -1.22 -10.55 13.73
C VAL A 97 -0.39 -9.32 13.38
N GLN A 98 -0.86 -8.55 12.41
CA GLN A 98 -0.18 -7.32 11.97
C GLN A 98 -1.10 -6.17 12.36
N LYS A 99 -0.85 -5.59 13.53
N LYS A 99 -0.85 -5.59 13.54
CA LYS A 99 -1.73 -4.54 14.05
CA LYS A 99 -1.68 -4.52 14.06
C LYS A 99 -1.34 -3.18 13.47
C LYS A 99 -1.31 -3.19 13.41
N GLY A 100 -2.32 -2.50 12.88
CA GLY A 100 -2.07 -1.23 12.23
C GLY A 100 -3.35 -0.66 11.72
N GLU A 101 -3.27 0.06 10.59
CA GLU A 101 -4.43 0.79 10.11
C GLU A 101 -5.49 -0.13 9.50
N LYS A 102 -5.09 -1.29 8.98
CA LYS A 102 -6.04 -2.24 8.40
C LYS A 102 -6.55 -3.20 9.47
N GLU A 103 -7.86 -3.33 9.55
CA GLU A 103 -8.46 -4.26 10.49
C GLU A 103 -8.28 -5.70 10.04
N ASN A 104 -8.14 -6.60 11.01
CA ASN A 104 -8.11 -8.04 10.74
C ASN A 104 -7.03 -8.40 9.73
N ARG A 105 -5.83 -7.88 9.95
CA ARG A 105 -4.71 -8.12 9.05
C ARG A 105 -3.74 -9.11 9.70
N GLY A 106 -3.39 -10.16 8.97
CA GLY A 106 -2.48 -11.14 9.50
C GLY A 106 -2.31 -12.28 8.52
N TRP A 107 -1.70 -13.36 9.00
CA TRP A 107 -1.56 -14.55 8.17
C TRP A 107 -1.37 -15.76 9.07
N LYS A 108 -1.58 -16.93 8.47
CA LYS A 108 -1.36 -18.21 9.14
C LYS A 108 -0.64 -19.12 8.14
N GLN A 109 0.35 -19.87 8.63
CA GLN A 109 1.20 -20.66 7.75
C GLN A 109 1.47 -22.00 8.42
N TRP A 110 1.29 -23.09 7.68
CA TRP A 110 1.48 -24.41 8.27
C TRP A 110 1.82 -25.43 7.21
N ILE A 111 2.35 -26.57 7.68
CA ILE A 111 2.73 -27.70 6.83
C ILE A 111 1.61 -28.72 6.91
N GLU A 112 1.20 -29.24 5.76
N GLU A 112 1.25 -29.29 5.76
CA GLU A 112 0.46 -30.50 5.74
CA GLU A 112 0.40 -30.48 5.70
C GLU A 112 1.00 -31.36 4.60
C GLU A 112 0.92 -31.38 4.58
N GLY A 113 1.34 -32.59 4.92
CA GLY A 113 1.96 -33.44 3.93
C GLY A 113 3.25 -32.81 3.47
N ASP A 114 3.42 -32.71 2.15
CA ASP A 114 4.58 -32.08 1.54
C ASP A 114 4.27 -30.68 1.02
N LYS A 115 3.23 -30.06 1.53
CA LYS A 115 2.81 -28.74 1.09
C LYS A 115 2.86 -27.74 2.23
N LEU A 116 3.16 -26.49 1.87
CA LEU A 116 3.09 -25.36 2.80
C LEU A 116 1.86 -24.55 2.42
N TYR A 117 0.99 -24.32 3.41
CA TYR A 117 -0.21 -23.54 3.25
C TYR A 117 -0.05 -22.19 3.92
N LEU A 118 -0.47 -21.13 3.22
CA LEU A 118 -0.40 -19.77 3.75
C LEU A 118 -1.72 -19.08 3.48
N GLU A 119 -2.38 -18.63 4.54
N GLU A 119 -2.40 -18.64 4.53
CA GLU A 119 -3.63 -17.89 4.46
CA GLU A 119 -3.64 -17.89 4.41
C GLU A 119 -3.34 -16.46 4.88
C GLU A 119 -3.40 -16.47 4.89
N LEU A 120 -3.59 -15.51 3.99
CA LEU A 120 -3.35 -14.09 4.25
C LEU A 120 -4.70 -13.41 4.39
N THR A 121 -4.88 -12.63 5.45
N THR A 121 -4.87 -12.61 5.44
CA THR A 121 -6.14 -11.93 5.70
CA THR A 121 -6.16 -11.95 5.68
C THR A 121 -5.94 -10.43 5.74
C THR A 121 -5.97 -10.44 5.80
N CYS A 122 -6.91 -9.71 5.20
CA CYS A 122 -7.00 -8.27 5.38
C CYS A 122 -8.48 -7.91 5.31
N GLY A 123 -9.01 -7.37 6.39
CA GLY A 123 -10.42 -7.02 6.39
C GLY A 123 -11.27 -8.26 6.18
N ASP A 124 -12.17 -8.21 5.21
CA ASP A 124 -13.03 -9.35 4.92
C ASP A 124 -12.51 -10.24 3.80
N GLN A 125 -11.23 -10.10 3.44
CA GLN A 125 -10.64 -10.84 2.32
C GLN A 125 -9.62 -11.84 2.83
N VAL A 126 -9.70 -13.07 2.33
CA VAL A 126 -8.74 -14.12 2.65
C VAL A 126 -8.13 -14.61 1.34
N CYS A 127 -6.81 -14.66 1.30
CA CYS A 127 -6.08 -15.24 0.18
C CYS A 127 -5.47 -16.55 0.65
N ARG A 128 -5.67 -17.61 -0.12
CA ARG A 128 -5.18 -18.94 0.25
C ARG A 128 -4.12 -19.36 -0.76
N GLN A 129 -2.89 -19.54 -0.29
CA GLN A 129 -1.78 -19.96 -1.13
C GLN A 129 -1.32 -21.35 -0.72
N VAL A 130 -0.89 -22.14 -1.71
CA VAL A 130 -0.31 -23.45 -1.47
C VAL A 130 1.02 -23.51 -2.21
N PHE A 131 2.04 -24.02 -1.53
CA PHE A 131 3.38 -24.16 -2.09
C PHE A 131 3.82 -25.61 -2.01
N LYS A 132 4.56 -26.03 -3.01
CA LYS A 132 5.15 -27.36 -3.05
C LYS A 132 6.64 -27.24 -2.78
N LYS A 133 7.17 -28.18 -2.03
CA LYS A 133 8.58 -28.14 -1.69
C LYS A 133 9.42 -28.39 -2.94
N LYS A 134 10.49 -27.62 -3.10
N LYS A 134 10.48 -27.61 -3.08
CA LYS A 134 11.40 -27.83 -4.22
CA LYS A 134 11.51 -27.87 -4.09
C LYS A 134 12.30 -29.03 -3.97
C LYS A 134 12.51 -28.89 -3.57
N THR B 2 -12.10 3.94 -14.86
CA THR B 2 -12.17 5.02 -15.84
C THR B 2 -11.07 6.04 -15.61
N ARG B 3 -10.64 6.70 -16.68
CA ARG B 3 -9.69 7.81 -16.61
C ARG B 3 -10.36 9.14 -16.31
N ASP B 4 -11.69 9.21 -16.35
CA ASP B 4 -12.39 10.48 -16.17
C ASP B 4 -12.49 10.78 -14.68
N GLN B 5 -11.70 11.75 -14.22
CA GLN B 5 -11.65 12.14 -12.82
C GLN B 5 -12.37 13.47 -12.58
N ASN B 6 -13.09 13.98 -13.57
CA ASN B 6 -13.80 15.24 -13.40
C ASN B 6 -14.77 15.16 -12.22
N GLY B 7 -14.82 16.23 -11.44
CA GLY B 7 -15.85 16.37 -10.46
C GLY B 7 -15.36 17.07 -9.20
N THR B 8 -16.28 17.16 -8.25
CA THR B 8 -16.00 17.64 -6.91
C THR B 8 -16.08 16.43 -6.00
N TRP B 9 -15.02 16.22 -5.21
CA TRP B 9 -14.85 14.99 -4.45
C TRP B 9 -14.61 15.37 -3.00
N GLU B 10 -15.36 14.78 -2.08
CA GLU B 10 -15.28 15.14 -0.67
C GLU B 10 -14.69 13.99 0.13
N MET B 11 -13.71 14.30 0.98
CA MET B 11 -12.96 13.26 1.67
C MET B 11 -13.86 12.47 2.62
N GLU B 12 -13.72 11.14 2.56
CA GLU B 12 -14.39 10.22 3.46
C GLU B 12 -13.45 9.60 4.47
N SER B 13 -12.18 9.40 4.09
CA SER B 13 -11.24 8.77 5.00
C SER B 13 -9.84 9.24 4.65
N ASN B 14 -8.95 9.13 5.63
CA ASN B 14 -7.63 9.75 5.56
C ASN B 14 -6.73 8.94 6.50
N GLU B 15 -6.03 7.96 5.93
CA GLU B 15 -5.17 7.04 6.67
C GLU B 15 -3.72 7.52 6.64
N ASN B 16 -3.12 7.67 7.81
CA ASN B 16 -1.68 8.00 7.93
C ASN B 16 -1.31 9.34 7.28
N PHE B 17 -2.25 10.30 7.27
CA PHE B 17 -1.89 11.64 6.83
C PHE B 17 -0.82 12.23 7.75
N GLU B 18 -0.87 11.90 9.05
N GLU B 18 -0.87 11.91 9.05
CA GLU B 18 0.12 12.45 9.96
CA GLU B 18 0.13 12.45 9.96
C GLU B 18 1.52 11.93 9.65
C GLU B 18 1.52 11.94 9.61
N GLY B 19 1.64 10.65 9.24
CA GLY B 19 2.95 10.13 8.89
C GLY B 19 3.49 10.78 7.62
N TYR B 20 2.63 10.95 6.61
CA TYR B 20 3.03 11.64 5.40
C TYR B 20 3.48 13.06 5.71
N MET B 21 2.71 13.79 6.52
CA MET B 21 3.08 15.17 6.86
C MET B 21 4.40 15.19 7.63
N LYS B 22 4.59 14.26 8.54
CA LYS B 22 5.82 14.26 9.31
C LYS B 22 7.03 13.97 8.42
N ALA B 23 6.84 13.10 7.42
CA ALA B 23 7.91 12.81 6.46
C ALA B 23 8.28 14.06 5.65
N LEU B 24 7.34 14.97 5.45
CA LEU B 24 7.59 16.24 4.79
C LEU B 24 8.09 17.32 5.74
N ASP B 25 8.29 17.01 7.02
CA ASP B 25 8.77 17.92 8.04
C ASP B 25 7.75 18.99 8.42
N ILE B 26 6.46 18.74 8.20
CA ILE B 26 5.44 19.65 8.69
C ILE B 26 5.49 19.66 10.22
N ASP B 27 5.46 20.85 10.81
CA ASP B 27 5.61 20.94 12.26
C ASP B 27 4.40 20.39 13.02
N PHE B 28 4.63 20.08 14.30
CA PHE B 28 3.59 19.43 15.10
C PHE B 28 2.33 20.29 15.19
N ALA B 29 2.47 21.59 15.43
CA ALA B 29 1.29 22.42 15.58
C ALA B 29 0.42 22.36 14.33
N THR B 30 1.04 22.36 13.15
CA THR B 30 0.29 22.26 11.91
C THR B 30 -0.34 20.88 11.74
N ARG B 31 0.41 19.82 12.03
CA ARG B 31 -0.12 18.47 11.89
C ARG B 31 -1.33 18.26 12.79
N LYS B 32 -1.29 18.81 14.01
CA LYS B 32 -2.35 18.58 14.97
C LYS B 32 -3.69 19.11 14.45
N ILE B 33 -3.66 20.25 13.78
CA ILE B 33 -4.86 20.80 13.15
C ILE B 33 -5.20 20.03 11.87
N ALA B 34 -4.19 19.82 11.02
CA ALA B 34 -4.41 19.31 9.67
C ALA B 34 -4.97 17.89 9.66
N VAL B 35 -4.62 17.06 10.64
CA VAL B 35 -5.03 15.66 10.60
C VAL B 35 -6.54 15.52 10.70
N ARG B 36 -7.24 16.49 11.29
CA ARG B 36 -8.67 16.38 11.51
C ARG B 36 -9.49 17.00 10.40
N LEU B 37 -8.86 17.60 9.40
CA LEU B 37 -9.61 18.36 8.41
C LEU B 37 -10.18 17.47 7.31
N THR B 38 -11.38 17.83 6.84
N THR B 38 -11.43 17.73 6.97
CA THR B 38 -11.99 17.19 5.68
CA THR B 38 -11.88 17.21 5.70
C THR B 38 -11.64 17.98 4.42
C THR B 38 -11.16 17.98 4.60
N GLN B 39 -10.99 17.32 3.47
CA GLN B 39 -10.49 17.98 2.27
C GLN B 39 -11.50 17.77 1.15
N THR B 40 -11.53 18.74 0.24
CA THR B 40 -12.30 18.62 -0.99
C THR B 40 -11.34 18.74 -2.16
N LYS B 41 -11.57 17.98 -3.20
CA LYS B 41 -10.71 18.08 -4.37
C LYS B 41 -11.62 18.35 -5.56
N VAL B 42 -11.36 19.43 -6.27
CA VAL B 42 -12.12 19.79 -7.47
C VAL B 42 -11.21 19.56 -8.65
N ILE B 43 -11.62 18.69 -9.57
CA ILE B 43 -10.83 18.31 -10.73
C ILE B 43 -11.57 18.75 -11.99
N ASP B 44 -10.91 19.55 -12.81
CA ASP B 44 -11.40 19.97 -14.12
C ASP B 44 -10.45 19.35 -15.14
N GLN B 45 -10.91 18.32 -15.83
CA GLN B 45 -10.05 17.51 -16.68
C GLN B 45 -10.58 17.53 -18.11
N ASP B 46 -9.71 17.87 -19.05
CA ASP B 46 -10.01 17.86 -20.47
C ASP B 46 -8.96 16.95 -21.11
N GLY B 47 -9.31 15.70 -21.32
CA GLY B 47 -8.36 14.74 -21.86
C GLY B 47 -7.20 14.54 -20.89
N ASP B 48 -6.00 14.91 -21.34
CA ASP B 48 -4.81 14.81 -20.50
C ASP B 48 -4.47 16.11 -19.79
N ASN B 49 -5.29 17.15 -19.93
CA ASN B 49 -5.07 18.44 -19.29
C ASN B 49 -5.89 18.52 -18.01
N PHE B 50 -5.21 18.72 -16.88
CA PHE B 50 -5.85 18.74 -15.57
C PHE B 50 -5.69 20.11 -14.90
N LYS B 51 -6.76 20.58 -14.27
CA LYS B 51 -6.70 21.69 -13.33
C LYS B 51 -7.29 21.18 -12.03
N THR B 52 -6.51 21.21 -10.95
CA THR B 52 -6.92 20.65 -9.68
C THR B 52 -6.85 21.68 -8.56
N LYS B 53 -7.81 21.61 -7.66
CA LYS B 53 -7.86 22.43 -6.45
C LYS B 53 -8.13 21.50 -5.28
N THR B 54 -7.26 21.54 -4.27
CA THR B 54 -7.46 20.79 -3.03
C THR B 54 -7.70 21.84 -1.95
N THR B 55 -8.85 21.75 -1.27
CA THR B 55 -9.30 22.82 -0.39
C THR B 55 -9.68 22.28 0.98
N SER B 56 -9.60 23.17 1.96
CA SER B 56 -9.97 22.87 3.34
C SER B 56 -10.19 24.20 4.06
N THR B 57 -10.58 24.10 5.33
CA THR B 57 -10.71 25.30 6.16
C THR B 57 -9.38 25.97 6.49
N PHE B 58 -8.25 25.27 6.30
CA PHE B 58 -6.96 25.69 6.83
C PHE B 58 -5.92 25.99 5.76
N ARG B 59 -5.96 25.28 4.63
CA ARG B 59 -5.01 25.47 3.54
C ARG B 59 -5.74 25.13 2.26
N ASN B 60 -5.32 25.78 1.17
CA ASN B 60 -5.82 25.48 -0.16
C ASN B 60 -4.61 25.37 -1.08
N TYR B 61 -4.70 24.46 -2.06
CA TYR B 61 -3.56 24.22 -2.93
C TYR B 61 -4.03 23.87 -4.32
N ASP B 62 -3.57 24.62 -5.33
CA ASP B 62 -3.96 24.42 -6.72
C ASP B 62 -2.76 23.93 -7.52
N VAL B 63 -2.99 22.98 -8.41
CA VAL B 63 -1.94 22.56 -9.35
C VAL B 63 -2.58 22.15 -10.66
N ASP B 64 -2.00 22.61 -11.77
CA ASP B 64 -2.43 22.30 -13.11
C ASP B 64 -1.29 21.59 -13.84
N PHE B 65 -1.64 20.65 -14.71
CA PHE B 65 -0.61 19.91 -15.44
C PHE B 65 -1.22 19.22 -16.65
N THR B 66 -0.35 18.85 -17.58
CA THR B 66 -0.70 17.97 -18.69
C THR B 66 0.05 16.67 -18.50
N VAL B 67 -0.66 15.54 -18.63
CA VAL B 67 0.00 14.24 -18.51
C VAL B 67 1.13 14.18 -19.52
N GLY B 68 2.31 13.74 -19.06
CA GLY B 68 3.46 13.57 -19.92
C GLY B 68 4.38 14.77 -20.04
N VAL B 69 4.02 15.90 -19.44
CA VAL B 69 4.78 17.14 -19.59
C VAL B 69 5.31 17.50 -18.20
N GLU B 70 6.63 17.41 -18.03
CA GLU B 70 7.24 17.74 -16.74
C GLU B 70 6.99 19.21 -16.41
N PHE B 71 6.79 19.52 -15.13
CA PHE B 71 6.50 20.87 -14.73
C PHE B 71 7.09 21.19 -13.37
N ASP B 72 7.32 22.48 -13.14
CA ASP B 72 7.76 22.97 -11.84
C ASP B 72 6.56 23.00 -10.91
N GLU B 73 6.74 22.47 -9.71
CA GLU B 73 5.73 22.55 -8.68
C GLU B 73 6.36 23.15 -7.42
N TYR B 74 5.77 24.20 -6.89
CA TYR B 74 6.20 24.79 -5.63
C TYR B 74 5.04 24.64 -4.65
N THR B 75 5.27 23.87 -3.58
CA THR B 75 4.18 23.46 -2.69
C THR B 75 3.86 24.55 -1.67
N LYS B 76 3.53 25.72 -2.19
CA LYS B 76 3.13 26.84 -1.36
C LYS B 76 2.14 26.65 -0.30
N SER B 77 2.49 27.04 0.94
CA SER B 77 1.67 26.94 2.14
C SER B 77 1.64 25.51 2.69
N LEU B 78 2.20 24.53 1.98
CA LEU B 78 2.30 23.16 2.46
C LEU B 78 3.68 22.97 3.09
N ASP B 79 4.60 22.30 2.40
CA ASP B 79 5.99 22.25 2.85
C ASP B 79 6.89 23.27 2.16
N ASN B 80 6.36 24.04 1.21
CA ASN B 80 7.10 25.15 0.60
C ASN B 80 8.42 24.70 -0.04
N ARG B 81 8.35 23.64 -0.83
CA ARG B 81 9.50 23.12 -1.54
C ARG B 81 9.25 23.16 -3.05
N HIS B 82 10.34 23.24 -3.80
CA HIS B 82 10.29 23.12 -5.25
C HIS B 82 10.56 21.67 -5.64
N VAL B 83 9.72 21.12 -6.51
CA VAL B 83 9.96 19.80 -7.08
C VAL B 83 9.75 19.91 -8.59
N LYS B 84 10.36 18.94 -9.30
CA LYS B 84 10.03 18.79 -10.69
C LYS B 84 9.07 17.59 -10.79
N ALA B 85 7.86 17.84 -11.26
CA ALA B 85 6.78 16.85 -11.23
C ALA B 85 6.53 16.33 -12.64
N LEU B 86 6.22 15.05 -12.72
CA LEU B 86 5.81 14.45 -13.99
C LEU B 86 4.65 13.52 -13.70
N VAL B 87 3.54 13.70 -14.41
CA VAL B 87 2.36 12.86 -14.28
C VAL B 87 2.23 11.98 -15.50
N THR B 88 1.94 10.70 -15.29
CA THR B 88 1.77 9.72 -16.36
C THR B 88 0.54 8.87 -16.05
N TRP B 89 0.05 8.16 -17.07
CA TRP B 89 -0.97 7.13 -16.89
C TRP B 89 -0.31 5.77 -16.82
N GLU B 90 -0.70 4.96 -15.83
CA GLU B 90 -0.43 3.53 -15.81
C GLU B 90 -1.79 2.84 -15.84
N GLY B 91 -2.23 2.41 -17.02
CA GLY B 91 -3.62 2.01 -17.16
C GLY B 91 -4.51 3.20 -16.88
N ASP B 92 -5.45 3.03 -15.95
CA ASP B 92 -6.29 4.15 -15.53
C ASP B 92 -5.85 4.74 -14.20
N VAL B 93 -4.60 4.49 -13.79
CA VAL B 93 -4.03 5.08 -12.58
C VAL B 93 -3.20 6.29 -13.00
N LEU B 94 -3.49 7.44 -12.39
CA LEU B 94 -2.73 8.65 -12.62
C LEU B 94 -1.56 8.66 -11.64
N VAL B 95 -0.33 8.73 -12.16
CA VAL B 95 0.88 8.55 -11.37
C VAL B 95 1.71 9.82 -11.46
N CYS B 96 2.11 10.34 -10.30
CA CYS B 96 2.97 11.52 -10.25
C CYS B 96 4.26 11.20 -9.48
N VAL B 97 5.39 11.55 -10.07
CA VAL B 97 6.68 11.54 -9.39
C VAL B 97 7.12 12.98 -9.18
N GLN B 98 7.46 13.33 -7.94
CA GLN B 98 7.86 14.69 -7.57
C GLN B 98 9.35 14.64 -7.21
N LYS B 99 10.20 14.95 -8.19
CA LYS B 99 11.64 14.86 -7.98
C LYS B 99 12.16 16.08 -7.24
N GLY B 100 12.89 15.85 -6.17
CA GLY B 100 13.42 16.94 -5.37
C GLY B 100 14.16 16.46 -4.15
N GLU B 101 14.07 17.23 -3.05
CA GLU B 101 14.90 16.94 -1.89
C GLU B 101 14.46 15.66 -1.17
N LYS B 102 13.17 15.35 -1.17
CA LYS B 102 12.69 14.15 -0.50
C LYS B 102 12.74 12.97 -1.46
N GLU B 103 13.34 11.88 -1.03
CA GLU B 103 13.36 10.67 -1.83
C GLU B 103 11.98 10.02 -1.82
N ASN B 104 11.63 9.36 -2.93
CA ASN B 104 10.41 8.59 -3.02
C ASN B 104 9.18 9.43 -2.70
N ARG B 105 9.07 10.58 -3.36
CA ARG B 105 7.94 11.49 -3.16
C ARG B 105 7.07 11.47 -4.41
N GLY B 106 5.78 11.23 -4.22
CA GLY B 106 4.86 11.21 -5.36
C GLY B 106 3.47 10.86 -4.90
N TRP B 107 2.60 10.59 -5.88
CA TRP B 107 1.24 10.20 -5.57
C TRP B 107 0.65 9.39 -6.71
N LYS B 108 -0.42 8.68 -6.40
CA LYS B 108 -1.19 7.93 -7.40
C LYS B 108 -2.66 8.16 -7.12
N GLN B 109 -3.45 8.33 -8.18
CA GLN B 109 -4.86 8.69 -8.02
C GLN B 109 -5.69 7.93 -9.06
N TRP B 110 -6.80 7.34 -8.62
CA TRP B 110 -7.64 6.58 -9.54
C TRP B 110 -9.09 6.58 -9.07
N ILE B 111 -9.99 6.31 -10.02
CA ILE B 111 -11.44 6.31 -9.79
C ILE B 111 -11.97 4.90 -9.82
N GLU B 112 -12.93 4.62 -8.93
CA GLU B 112 -13.78 3.43 -9.03
C GLU B 112 -15.18 3.84 -8.63
N GLY B 113 -16.13 3.70 -9.54
CA GLY B 113 -17.50 4.07 -9.22
C GLY B 113 -17.55 5.55 -8.91
N ASP B 114 -18.15 5.90 -7.78
CA ASP B 114 -18.23 7.29 -7.36
C ASP B 114 -17.19 7.65 -6.30
N LYS B 115 -16.08 6.90 -6.23
CA LYS B 115 -14.99 7.15 -5.28
C LYS B 115 -13.69 7.44 -6.01
N LEU B 116 -12.93 8.38 -5.45
CA LEU B 116 -11.58 8.71 -5.88
C LEU B 116 -10.62 8.26 -4.79
N TYR B 117 -9.60 7.50 -5.19
CA TYR B 117 -8.57 7.00 -4.29
C TYR B 117 -7.28 7.75 -4.55
N LEU B 118 -6.63 8.21 -3.48
CA LEU B 118 -5.39 8.96 -3.60
C LEU B 118 -4.38 8.37 -2.63
N GLU B 119 -3.23 7.96 -3.16
CA GLU B 119 -2.12 7.39 -2.41
C GLU B 119 -0.98 8.41 -2.44
N LEU B 120 -0.66 8.99 -1.28
CA LEU B 120 0.37 10.01 -1.15
C LEU B 120 1.60 9.36 -0.50
N THR B 121 2.75 9.49 -1.16
CA THR B 121 3.97 8.84 -0.68
C THR B 121 5.08 9.85 -0.45
N CYS B 122 5.75 9.73 0.68
CA CYS B 122 7.00 10.46 0.90
C CYS B 122 7.90 9.57 1.75
N GLY B 123 9.03 9.17 1.18
CA GLY B 123 9.94 8.32 1.94
C GLY B 123 9.27 7.03 2.34
N ASP B 124 9.34 6.70 3.63
CA ASP B 124 8.76 5.46 4.12
C ASP B 124 7.34 5.62 4.64
N GLN B 125 6.67 6.73 4.33
CA GLN B 125 5.31 6.98 4.78
C GLN B 125 4.36 7.10 3.60
N VAL B 126 3.26 6.35 3.66
CA VAL B 126 2.22 6.39 2.63
C VAL B 126 0.90 6.71 3.32
N CYS B 127 0.18 7.66 2.75
CA CYS B 127 -1.15 8.06 3.17
C CYS B 127 -2.16 7.61 2.13
N ARG B 128 -3.28 7.03 2.59
CA ARG B 128 -4.38 6.62 1.71
C ARG B 128 -5.60 7.49 1.99
N GLN B 129 -6.07 8.20 0.97
CA GLN B 129 -7.27 9.01 1.08
C GLN B 129 -8.35 8.45 0.15
N VAL B 130 -9.60 8.57 0.58
CA VAL B 130 -10.74 8.18 -0.24
C VAL B 130 -11.70 9.35 -0.25
N PHE B 131 -12.20 9.71 -1.42
CA PHE B 131 -13.14 10.81 -1.59
C PHE B 131 -14.38 10.28 -2.29
N LYS B 132 -15.53 10.83 -1.93
CA LYS B 132 -16.80 10.50 -2.57
C LYS B 132 -17.24 11.65 -3.46
N LYS B 133 -17.72 11.32 -4.66
CA LYS B 133 -18.17 12.34 -5.59
C LYS B 133 -19.40 13.06 -5.05
N LYS B 134 -19.38 14.39 -5.09
CA LYS B 134 -20.51 15.20 -4.67
C LYS B 134 -21.37 15.54 -5.88
N LEU B 135 -22.68 15.50 -5.68
CA LEU B 135 -23.62 15.92 -6.71
C LEU B 135 -23.67 17.44 -6.75
N VAL B 136 -23.21 18.04 -7.83
CA VAL B 136 -23.13 19.50 -7.96
C VAL B 136 -23.73 19.89 -9.31
N PRO B 137 -24.16 21.15 -9.45
CA PRO B 137 -24.71 21.60 -10.73
C PRO B 137 -23.68 21.58 -11.85
C10 VKV C . 4.99 -14.28 5.28
C15 VKV C . 4.66 -15.73 5.63
C17 VKV C . 7.02 -10.82 -2.52
C21 VKV C . 1.75 -7.11 -4.48
C22 VKV C . 1.42 -8.96 0.05
O01 VKV C . 4.77 -14.09 3.90
O03 VKV C . 6.64 -12.59 5.07
C04 VKV C . 3.57 -12.22 2.81
C05 VKV C . 4.49 -12.46 1.60
C06 VKV C . 3.46 -13.56 3.63
C07 VKV C . 4.51 -10.54 -5.41
C08 VKV C . 5.04 -10.49 -3.98
C11 VKV C . 3.29 -9.54 -5.51
C12 VKV C . 6.30 -11.35 -3.74
C14 VKV C . 6.44 -13.90 5.59
C16 VKV C . 3.79 -8.05 -5.67
C19 VKV C . 2.07 -9.96 -0.96
C23 VKV C . 1.63 -5.94 -3.46
C09 VKV C . 3.95 -11.67 0.39
C13 VKV C . 2.56 -12.20 0.03
C18 VKV C . 1.68 -11.40 -0.60
C20 VKV C . 3.10 -6.98 -5.22
C24 VKV C . 0.64 -7.65 -1.92
C25 VKV C . 0.78 -7.89 -0.40
C26 VKV C . 1.09 -6.21 -2.24
O02 VKV C . 5.44 -16.58 4.82
C10 VKV D . -2.79 16.07 -6.13
C15 VKV D . -3.17 17.34 -6.92
C17 VKV D . -4.47 21.44 0.65
C21 VKV D . -1.00 20.23 6.50
C22 VKV D . 1.28 18.09 1.95
O01 VKV D . -3.05 16.35 -4.76
O03 VKV D . -4.96 15.05 -6.20
C04 VKV D . -1.58 16.86 -2.85
C05 VKV D . -2.78 17.34 -2.00
C06 VKV D . -2.09 15.76 -3.85
C07 VKV D . -5.03 20.16 4.18
C08 VKV D . -4.27 20.53 2.92
C11 VKV D . -3.99 19.90 5.35
C12 VKV D . -5.26 20.91 1.83
C14 VKV D . -3.60 14.85 -6.56
C16 VKV D . -3.42 21.29 5.82
C19 VKV D . 0.03 18.42 1.07
C23 VKV D . 0.21 20.80 5.75
C09 VKV D . -2.25 18.14 -0.80
C13 VKV D . -2.09 17.21 0.41
C18 VKV D . -1.04 17.34 1.27
C20 VKV D . -2.15 21.48 6.29
C24 VKV D . -0.01 19.09 3.94
C25 VKV D . 1.30 18.34 3.26
C26 VKV D . 0.63 20.31 4.60
O02 VKV D . -2.38 18.38 -6.41
H1 VKV D . -1.76 15.85 -6.31
H2 VKV D . -2.97 17.19 -7.97
H3 VKV D . -4.22 17.56 -6.79
H4 VKV D . -3.82 20.66 0.28
H5 VKV D . -5.15 21.75 -0.13
H6 VKV D . -3.87 22.29 0.97
H7 VKV D . -0.77 20.06 7.55
H8 VKV D . -1.33 19.29 6.04
H9 VKV D . 2.16 17.66 1.49
H10 VKV D . -5.53 14.83 -6.94
H11 VKV D . -1.16 17.71 -3.40
H12 VKV D . -0.81 16.44 -2.19
H13 VKV D . -3.35 16.47 -1.65
H14 VKV D . -3.44 17.97 -2.61
H15 VKV D . -1.25 15.36 -4.42
H16 VKV D . -2.57 14.95 -3.29
H17 VKV D . -5.70 20.99 4.46
H18 VKV D . -5.63 19.26 4.01
H19 VKV D . -3.67 19.67 2.59
H20 VKV D . -3.60 21.36 3.12
H21 VKV D . -4.49 19.41 6.19
H22 VKV D . -3.18 19.27 4.98
H23 VKV D . -5.93 21.69 2.20
H24 VKV D . -5.84 20.04 1.52
H25 VKV D . -3.52 14.70 -7.63
H26 VKV D . -3.22 13.96 -6.04
H27 VKV D . -4.08 22.18 5.77
H28 VKV D . 0.32 18.46 0.03
H29 VKV D . -0.37 19.38 1.37
H30 VKV D . 0.89 20.53 6.55
H31 VKV D . -1.30 18.58 -1.05
H32 VKV D . -2.97 18.93 -0.54
H33 VKV D . -2.83 16.40 0.57
H34 VKV D . -0.97 16.67 2.13
H35 VKV D . -1.86 22.49 6.55
H36 VKV D . -0.73 19.38 3.17
H37 VKV D . -0.51 18.45 4.68
H38 VKV D . 2.16 18.04 3.87
H39 VKV D . 0.34 20.96 3.79
H40 VKV D . -1.48 18.14 -6.47
#